data_6GI0
#
_entry.id   6GI0
#
_cell.length_a   45.340
_cell.length_b   111.100
_cell.length_c   48.500
_cell.angle_alpha   90.00
_cell.angle_beta   105.47
_cell.angle_gamma   90.00
#
_symmetry.space_group_name_H-M   'P 1 21 1'
#
loop_
_entity.id
_entity.type
_entity.pdbx_description
1 polymer 'Ferric enterobactin esterase'
2 non-polymer 'NITRATE ION'
3 water water
#
_entity_poly.entity_id   1
_entity_poly.type   'polypeptide(L)'
_entity_poly.pdbx_seq_one_letter_code
;GAMNPDPEATMDRSLLQRQDLPYRFSAVDLDSVDGQRHYRLWLGRPLQAPPAAGYPVVWMLDGNAAVGALDESTLRRLAD
GDAPLLVAIGYRTPLRIDRAGRTFDYTPASPGQADQRDPLNGLPSGGADAFLDLLRDGMRPAVAAQAPLDTARQTLWGHS
YGGLLVLHALFTRPGEFARYAAASPSLWWRDGAILGERAGLEQRLRGKRAELLLWRGSAEPASPRGSLKAEPGQAMARLV
DDLRRVAGLTLDFQPLDGLGHGETLGASLRLLLARPAVERQR
;
_entity_poly.pdbx_strand_id   A,B
#
# COMPACT_ATOMS: atom_id res chain seq x y z
N LEU A 15 -18.63 -3.23 -8.41
CA LEU A 15 -18.06 -4.34 -7.56
C LEU A 15 -19.08 -5.03 -6.65
N LEU A 16 -19.93 -4.25 -6.01
CA LEU A 16 -20.99 -4.78 -5.15
C LEU A 16 -21.98 -5.69 -5.91
N GLN A 17 -22.09 -5.46 -7.22
CA GLN A 17 -23.04 -6.17 -8.08
C GLN A 17 -22.38 -7.37 -8.73
N ARG A 18 -21.08 -7.54 -8.49
CA ARG A 18 -20.35 -8.57 -9.21
C ARG A 18 -20.56 -9.92 -8.54
N GLN A 19 -20.66 -10.96 -9.36
CA GLN A 19 -21.08 -12.30 -8.96
C GLN A 19 -19.96 -13.33 -9.13
N ASP A 20 -18.82 -12.89 -9.66
CA ASP A 20 -17.74 -13.75 -10.12
C ASP A 20 -16.45 -13.56 -9.30
N LEU A 21 -16.57 -13.01 -8.09
CA LEU A 21 -15.40 -12.80 -7.21
C LEU A 21 -15.43 -13.81 -6.07
N PRO A 22 -14.32 -14.00 -5.35
CA PRO A 22 -14.35 -14.87 -4.17
C PRO A 22 -14.96 -14.22 -2.94
N TYR A 23 -15.62 -13.07 -3.15
CA TYR A 23 -16.48 -12.45 -2.15
C TYR A 23 -17.86 -12.25 -2.79
N ARG A 24 -18.92 -12.34 -1.99
CA ARG A 24 -20.23 -11.78 -2.40
C ARG A 24 -20.67 -10.67 -1.45
N PHE A 25 -21.41 -9.71 -2.00
CA PHE A 25 -21.79 -8.54 -1.26
C PHE A 25 -23.29 -8.49 -1.05
N SER A 26 -23.65 -8.10 0.17
CA SER A 26 -25.06 -7.82 0.52
C SER A 26 -25.07 -6.62 1.42
N ALA A 27 -26.24 -6.04 1.62
CA ALA A 27 -26.38 -4.88 2.50
C ALA A 27 -27.48 -5.09 3.53
N VAL A 28 -27.29 -4.52 4.72
CA VAL A 28 -28.39 -4.38 5.69
C VAL A 28 -28.46 -2.93 6.16
N ASP A 29 -29.67 -2.49 6.51
CA ASP A 29 -29.92 -1.11 6.89
C ASP A 29 -30.22 -1.05 8.41
N LEU A 30 -29.75 -0.01 9.05
CA LEU A 30 -30.00 0.24 10.47
C LEU A 30 -30.14 1.74 10.63
N ASP A 31 -30.98 2.16 11.55
CA ASP A 31 -31.07 3.57 11.93
C ASP A 31 -30.37 3.82 13.28
N SER A 32 -29.95 5.06 13.51
CA SER A 32 -29.51 5.45 14.82
C SER A 32 -30.68 5.41 15.80
N VAL A 33 -30.36 5.31 17.09
CA VAL A 33 -31.39 5.25 18.13
C VAL A 33 -32.25 6.50 18.11
N ASP A 34 -31.64 7.66 17.88
CA ASP A 34 -32.39 8.91 17.78
C ASP A 34 -33.20 9.08 16.48
N GLY A 35 -33.08 8.14 15.54
CA GLY A 35 -33.88 8.19 14.31
C GLY A 35 -33.27 9.11 13.25
N GLN A 36 -32.20 9.84 13.56
CA GLN A 36 -31.75 10.93 12.69
C GLN A 36 -30.72 10.51 11.66
N ARG A 37 -30.04 9.38 11.87
CA ARG A 37 -29.00 8.93 10.96
C ARG A 37 -29.32 7.53 10.45
N HIS A 38 -29.07 7.30 9.16
CA HIS A 38 -29.56 6.15 8.45
C HIS A 38 -28.36 5.44 7.85
N TYR A 39 -28.05 4.27 8.41
CA TYR A 39 -26.87 3.54 8.02
C TYR A 39 -27.20 2.45 7.00
N ARG A 40 -26.20 2.13 6.19
CA ARG A 40 -26.26 1.00 5.32
C ARG A 40 -24.93 0.29 5.46
N LEU A 41 -24.99 -0.96 5.90
CA LEU A 41 -23.81 -1.78 6.09
C LEU A 41 -23.64 -2.67 4.89
N TRP A 42 -22.54 -2.48 4.19
CA TRP A 42 -22.22 -3.36 3.08
C TRP A 42 -21.33 -4.47 3.60
N LEU A 43 -21.78 -5.71 3.38
CA LEU A 43 -21.11 -6.89 3.90
C LEU A 43 -20.46 -7.66 2.75
N GLY A 44 -19.16 -7.84 2.83
CA GLY A 44 -18.44 -8.68 1.90
C GLY A 44 -18.14 -9.99 2.60
N ARG A 45 -18.74 -11.07 2.12
CA ARG A 45 -18.58 -12.38 2.72
C ARG A 45 -17.82 -13.27 1.75
N PRO A 46 -16.74 -13.91 2.21
CA PRO A 46 -15.97 -14.84 1.36
C PRO A 46 -16.82 -16.00 0.94
N LEU A 47 -16.57 -16.58 -0.23
CA LEU A 47 -17.20 -17.86 -0.57
C LEU A 47 -16.73 -18.98 0.33
N GLN A 48 -15.50 -18.87 0.83
CA GLN A 48 -14.93 -19.82 1.80
C GLN A 48 -15.88 -19.99 3.01
N ALA A 49 -16.14 -21.25 3.38
CA ALA A 49 -16.80 -21.55 4.64
C ALA A 49 -16.09 -20.87 5.81
N PRO A 50 -16.85 -20.35 6.79
CA PRO A 50 -16.18 -19.79 7.95
C PRO A 50 -15.54 -20.88 8.80
N PRO A 51 -14.49 -20.54 9.56
CA PRO A 51 -13.95 -21.50 10.52
C PRO A 51 -14.92 -21.65 11.69
N ALA A 52 -14.64 -22.64 12.51
CA ALA A 52 -15.46 -23.00 13.67
C ALA A 52 -15.84 -21.77 14.50
N ALA A 53 -14.86 -20.91 14.75
CA ALA A 53 -15.02 -19.76 15.64
C ALA A 53 -15.59 -18.49 14.94
N GLY A 54 -15.85 -18.57 13.64
CA GLY A 54 -16.45 -17.47 12.89
C GLY A 54 -15.42 -16.75 12.02
N TYR A 55 -15.88 -15.89 11.12
CA TYR A 55 -14.95 -15.09 10.34
C TYR A 55 -14.29 -14.04 11.20
N PRO A 56 -12.98 -13.81 10.98
CA PRO A 56 -12.47 -12.51 11.41
C PRO A 56 -13.21 -11.38 10.65
N VAL A 57 -13.33 -10.21 11.28
CA VAL A 57 -14.17 -9.17 10.76
C VAL A 57 -13.40 -7.86 10.68
N VAL A 58 -13.49 -7.22 9.53
CA VAL A 58 -12.95 -5.86 9.32
C VAL A 58 -14.08 -4.88 9.18
N TRP A 59 -14.25 -4.07 10.22
CA TRP A 59 -15.19 -3.01 10.23
C TRP A 59 -14.55 -1.73 9.67
N MET A 60 -15.22 -1.14 8.67
CA MET A 60 -14.73 0.10 8.06
C MET A 60 -15.74 1.22 8.24
N LEU A 61 -15.27 2.32 8.81
CA LEU A 61 -16.00 3.57 8.82
C LEU A 61 -15.93 4.21 7.46
N ASP A 62 -16.62 5.34 7.31
CA ASP A 62 -16.73 5.96 5.99
C ASP A 62 -17.06 4.92 4.91
N GLY A 63 -18.08 4.12 5.18
CA GLY A 63 -18.34 2.90 4.42
C GLY A 63 -18.55 3.13 2.95
N ASN A 64 -19.19 4.23 2.57
CA ASN A 64 -19.39 4.46 1.14
C ASN A 64 -18.05 4.68 0.44
N ALA A 65 -17.14 5.43 1.07
CA ALA A 65 -15.83 5.66 0.44
C ALA A 65 -15.02 4.37 0.49
N ALA A 66 -15.13 3.64 1.59
CA ALA A 66 -14.35 2.42 1.76
C ALA A 66 -14.63 1.41 0.62
N VAL A 67 -15.89 1.19 0.30
CA VAL A 67 -16.31 0.34 -0.81
C VAL A 67 -15.63 0.72 -2.13
N GLY A 68 -15.56 2.01 -2.41
CA GLY A 68 -14.89 2.50 -3.59
C GLY A 68 -13.40 2.17 -3.69
N ALA A 69 -12.79 1.86 -2.56
CA ALA A 69 -11.35 1.61 -2.50
C ALA A 69 -11.03 0.13 -2.46
N LEU A 70 -12.05 -0.71 -2.42
CA LEU A 70 -11.85 -2.17 -2.45
C LEU A 70 -11.65 -2.64 -3.89
N ASP A 71 -10.44 -3.06 -4.22
CA ASP A 71 -10.16 -3.47 -5.57
C ASP A 71 -10.17 -4.99 -5.69
N GLU A 72 -10.31 -5.46 -6.92
CA GLU A 72 -10.42 -6.86 -7.22
C GLU A 72 -9.15 -7.65 -6.85
N SER A 73 -7.96 -7.09 -7.09
CA SER A 73 -6.71 -7.76 -6.73
C SER A 73 -6.67 -8.02 -5.20
N THR A 74 -7.05 -7.02 -4.43
CA THR A 74 -7.06 -7.10 -2.96
C THR A 74 -8.01 -8.20 -2.50
N LEU A 75 -9.23 -8.20 -3.06
CA LEU A 75 -10.22 -9.17 -2.67
C LEU A 75 -9.78 -10.61 -3.00
N ARG A 76 -9.16 -10.81 -4.15
CA ARG A 76 -8.71 -12.16 -4.49
C ARG A 76 -7.61 -12.67 -3.55
N ARG A 77 -6.64 -11.82 -3.21
CA ARG A 77 -5.62 -12.18 -2.23
C ARG A 77 -6.18 -12.41 -0.82
N LEU A 78 -7.16 -11.62 -0.41
CA LEU A 78 -7.85 -11.88 0.83
C LEU A 78 -8.42 -13.31 0.97
N ALA A 79 -8.93 -13.86 -0.14
CA ALA A 79 -9.44 -15.23 -0.14
C ALA A 79 -8.30 -16.26 -0.03
N ASP A 80 -7.69 -16.33 1.14
CA ASP A 80 -6.45 -17.08 1.31
C ASP A 80 -6.66 -18.38 2.09
N GLY A 81 -7.86 -18.61 2.61
CA GLY A 81 -8.15 -19.77 3.46
C GLY A 81 -8.52 -19.32 4.85
N ASP A 82 -8.22 -18.05 5.15
CA ASP A 82 -8.69 -17.41 6.37
C ASP A 82 -9.24 -15.99 6.11
N ALA A 83 -10.13 -15.87 5.14
CA ALA A 83 -10.60 -14.56 4.65
C ALA A 83 -11.53 -13.91 5.66
N PRO A 84 -11.46 -12.57 5.75
CA PRO A 84 -12.31 -11.88 6.69
C PRO A 84 -13.65 -11.48 6.09
N LEU A 85 -14.63 -11.37 6.95
CA LEU A 85 -15.85 -10.67 6.62
C LEU A 85 -15.59 -9.17 6.65
N LEU A 86 -16.04 -8.49 5.59
CA LEU A 86 -15.79 -7.08 5.42
C LEU A 86 -17.11 -6.40 5.71
N VAL A 87 -17.10 -5.38 6.58
CA VAL A 87 -18.34 -4.63 6.86
C VAL A 87 -18.02 -3.16 6.69
N ALA A 88 -18.60 -2.53 5.67
CA ALA A 88 -18.45 -1.09 5.42
C ALA A 88 -19.66 -0.35 5.97
N ILE A 89 -19.44 0.44 7.01
CA ILE A 89 -20.50 1.13 7.70
C ILE A 89 -20.74 2.48 7.00
N GLY A 90 -21.69 2.51 6.11
CA GLY A 90 -21.98 3.70 5.31
C GLY A 90 -23.28 4.34 5.70
N TYR A 91 -23.62 5.45 5.02
CA TYR A 91 -24.87 6.18 5.23
C TYR A 91 -25.76 6.05 3.98
N ARG A 92 -27.07 5.99 4.18
CA ARG A 92 -28.03 6.16 3.09
C ARG A 92 -28.36 7.65 3.04
N THR A 93 -28.01 8.34 1.98
CA THR A 93 -28.19 9.79 1.91
C THR A 93 -28.32 10.28 0.49
N ASP A 98 -22.06 11.92 3.69
CA ASP A 98 -22.89 12.45 4.75
C ASP A 98 -22.01 13.11 5.79
N ARG A 99 -21.72 14.40 5.55
CA ARG A 99 -20.86 15.18 6.44
C ARG A 99 -21.49 15.33 7.84
N ALA A 100 -22.78 15.64 7.93
CA ALA A 100 -23.44 15.78 9.24
C ALA A 100 -23.38 14.49 10.03
N GLY A 101 -23.74 13.36 9.41
CA GLY A 101 -23.69 12.08 10.10
C GLY A 101 -22.32 11.71 10.62
N ARG A 102 -21.33 11.73 9.74
CA ARG A 102 -19.91 11.46 10.12
C ARG A 102 -19.43 12.37 11.23
N THR A 103 -19.73 13.68 11.09
CA THR A 103 -19.24 14.67 12.04
C THR A 103 -19.76 14.35 13.42
N PHE A 104 -21.03 13.95 13.50
CA PHE A 104 -21.63 13.59 14.81
C PHE A 104 -21.12 12.25 15.29
N ASP A 105 -21.15 11.23 14.42
CA ASP A 105 -20.81 9.86 14.85
C ASP A 105 -19.35 9.71 15.26
N TYR A 106 -18.43 10.44 14.64
CA TYR A 106 -17.00 10.11 14.75
C TYR A 106 -16.23 10.98 15.76
N THR A 107 -16.91 11.96 16.37
CA THR A 107 -16.23 12.93 17.22
C THR A 107 -16.58 12.71 18.68
N PRO A 108 -15.57 12.75 19.55
CA PRO A 108 -15.81 12.57 20.98
C PRO A 108 -16.56 13.73 21.65
N ALA A 109 -17.27 13.40 22.73
CA ALA A 109 -17.97 14.37 23.52
C ALA A 109 -17.02 15.10 24.44
N SER A 110 -17.21 16.40 24.55
CA SER A 110 -16.57 17.18 25.60
C SER A 110 -17.34 17.08 26.90
N PRO A 111 -16.68 17.31 28.03
CA PRO A 111 -17.35 17.39 29.34
C PRO A 111 -18.45 18.46 29.36
N GLY A 112 -19.39 18.32 30.28
CA GLY A 112 -20.33 19.38 30.58
C GLY A 112 -21.49 19.41 29.61
N GLN A 113 -21.94 20.63 29.30
CA GLN A 113 -23.32 20.85 28.85
C GLN A 113 -23.50 22.29 28.36
N GLN A 116 -23.11 20.40 21.66
CA GLN A 116 -21.73 20.41 21.18
C GLN A 116 -21.62 20.54 19.68
N ARG A 117 -20.68 21.37 19.24
CA ARG A 117 -20.55 21.78 17.84
C ARG A 117 -19.13 21.56 17.33
N ASP A 118 -19.02 21.12 16.07
CA ASP A 118 -17.71 20.91 15.46
C ASP A 118 -17.04 22.25 15.29
N PRO A 119 -15.77 22.36 15.70
CA PRO A 119 -15.12 23.69 15.73
C PRO A 119 -14.70 24.22 14.36
N LEU A 120 -14.69 23.40 13.32
CA LEU A 120 -14.46 23.90 11.94
C LEU A 120 -15.79 24.18 11.26
N ASN A 121 -16.69 23.20 11.24
CA ASN A 121 -17.86 23.25 10.37
C ASN A 121 -19.18 23.53 11.10
N GLY A 122 -19.17 23.55 12.43
CA GLY A 122 -20.32 24.04 13.21
C GLY A 122 -21.46 23.03 13.36
N LEU A 123 -21.29 21.87 12.75
CA LEU A 123 -22.32 20.82 12.81
C LEU A 123 -22.30 20.11 14.16
N PRO A 124 -23.41 19.48 14.55
CA PRO A 124 -23.42 18.79 15.84
C PRO A 124 -22.31 17.77 15.93
N SER A 125 -21.65 17.74 17.08
CA SER A 125 -20.56 16.81 17.31
C SER A 125 -20.79 16.04 18.60
N GLY A 126 -19.90 15.11 18.92
CA GLY A 126 -19.92 14.49 20.24
C GLY A 126 -20.66 13.18 20.32
N GLY A 127 -20.90 12.56 19.17
CA GLY A 127 -21.71 11.35 19.12
C GLY A 127 -20.93 10.06 19.11
N ALA A 128 -19.62 10.09 19.38
CA ALA A 128 -18.77 8.91 19.24
C ALA A 128 -19.19 7.72 20.10
N ASP A 129 -19.54 7.97 21.36
CA ASP A 129 -19.93 6.85 22.24
C ASP A 129 -21.28 6.27 21.83
N ALA A 130 -22.22 7.12 21.40
CA ALA A 130 -23.49 6.61 20.85
C ALA A 130 -23.27 5.74 19.62
N PHE A 131 -22.33 6.15 18.77
CA PHE A 131 -21.98 5.37 17.62
C PHE A 131 -21.35 4.03 18.00
N LEU A 132 -20.43 4.03 18.94
CA LEU A 132 -19.81 2.79 19.35
C LEU A 132 -20.80 1.85 20.06
N ASP A 133 -21.74 2.41 20.82
CA ASP A 133 -22.83 1.61 21.41
C ASP A 133 -23.68 0.96 20.31
N LEU A 134 -24.01 1.74 19.30
CA LEU A 134 -24.79 1.20 18.18
C LEU A 134 -24.04 0.12 17.41
N LEU A 135 -22.77 0.35 17.15
CA LEU A 135 -21.92 -0.67 16.59
C LEU A 135 -22.05 -1.99 17.39
N ARG A 136 -21.88 -1.90 18.70
CA ARG A 136 -21.88 -3.08 19.59
C ARG A 136 -23.27 -3.70 19.68
N ASP A 137 -24.29 -2.87 19.84
CA ASP A 137 -25.61 -3.38 20.25
C ASP A 137 -26.55 -3.54 19.10
N GLY A 138 -26.32 -2.82 18.00
CA GLY A 138 -27.20 -2.90 16.82
C GLY A 138 -26.51 -3.50 15.59
N MET A 139 -25.33 -3.02 15.26
CA MET A 139 -24.71 -3.46 14.01
C MET A 139 -24.20 -4.87 14.14
N ARG A 140 -23.57 -5.19 15.26
CA ARG A 140 -22.98 -6.51 15.35
C ARG A 140 -24.03 -7.62 15.28
N PRO A 141 -25.16 -7.48 16.02
CA PRO A 141 -26.22 -8.51 15.84
C PRO A 141 -26.81 -8.53 14.42
N ALA A 142 -26.93 -7.37 13.78
CA ALA A 142 -27.44 -7.34 12.39
C ALA A 142 -26.47 -8.10 11.47
N VAL A 143 -25.18 -7.94 11.71
CA VAL A 143 -24.19 -8.60 10.88
C VAL A 143 -24.10 -10.09 11.22
N ALA A 144 -24.16 -10.41 12.51
CA ALA A 144 -24.12 -11.81 12.95
C ALA A 144 -25.31 -12.61 12.46
N ALA A 145 -26.46 -11.98 12.19
CA ALA A 145 -27.58 -12.69 11.60
C ALA A 145 -27.28 -13.13 10.17
N GLN A 146 -26.32 -12.49 9.53
CA GLN A 146 -25.99 -12.79 8.14
C GLN A 146 -24.81 -13.77 8.05
N ALA A 147 -23.85 -13.64 8.95
CA ALA A 147 -22.61 -14.43 8.89
C ALA A 147 -21.97 -14.53 10.30
N PRO A 148 -21.42 -15.70 10.66
CA PRO A 148 -20.77 -15.85 11.96
C PRO A 148 -19.48 -15.03 12.10
N LEU A 149 -19.36 -14.32 13.22
CA LEU A 149 -18.23 -13.46 13.52
C LEU A 149 -17.42 -14.05 14.63
N ASP A 150 -16.11 -13.99 14.48
CA ASP A 150 -15.20 -14.22 15.60
C ASP A 150 -14.90 -12.88 16.26
N THR A 151 -15.51 -12.64 17.41
CA THR A 151 -15.41 -11.35 18.09
C THR A 151 -14.01 -11.14 18.72
N ALA A 152 -13.21 -12.20 18.77
CA ALA A 152 -11.82 -12.10 19.21
C ALA A 152 -10.89 -11.68 18.06
N ARG A 153 -11.42 -11.56 16.83
CA ARG A 153 -10.58 -11.29 15.67
C ARG A 153 -11.14 -10.14 14.80
N GLN A 154 -11.40 -9.02 15.44
CA GLN A 154 -12.06 -7.91 14.80
C GLN A 154 -11.06 -6.75 14.63
N THR A 155 -11.21 -6.03 13.53
CA THR A 155 -10.40 -4.86 13.20
C THR A 155 -11.37 -3.71 13.00
N LEU A 156 -10.96 -2.53 13.45
CA LEU A 156 -11.73 -1.29 13.20
C LEU A 156 -10.81 -0.31 12.47
N TRP A 157 -11.27 0.16 11.31
CA TRP A 157 -10.50 1.04 10.44
C TRP A 157 -11.31 2.33 10.18
N GLY A 158 -10.61 3.45 10.12
CA GLY A 158 -11.24 4.71 9.82
C GLY A 158 -10.18 5.67 9.36
N HIS A 159 -10.62 6.64 8.56
CA HIS A 159 -9.75 7.64 7.95
C HIS A 159 -10.27 9.03 8.35
N SER A 160 -9.33 9.89 8.76
CA SER A 160 -9.62 11.29 9.08
C SER A 160 -10.45 11.36 10.38
N TYR A 161 -11.66 11.92 10.35
CA TYR A 161 -12.52 11.85 11.51
C TYR A 161 -12.73 10.37 11.90
N GLY A 162 -12.75 9.48 10.90
CA GLY A 162 -12.90 8.05 11.19
C GLY A 162 -11.71 7.56 12.01
N GLY A 163 -10.54 8.13 11.74
CA GLY A 163 -9.36 7.79 12.51
C GLY A 163 -9.42 8.30 13.93
N LEU A 164 -10.02 9.48 14.09
CA LEU A 164 -10.32 10.00 15.41
C LEU A 164 -11.19 9.02 16.22
N LEU A 165 -12.25 8.54 15.59
CA LEU A 165 -13.15 7.58 16.25
C LEU A 165 -12.38 6.30 16.64
N VAL A 166 -11.54 5.81 15.74
CA VAL A 166 -10.72 4.60 16.03
C VAL A 166 -9.85 4.85 17.28
N LEU A 167 -9.26 6.03 17.40
CA LEU A 167 -8.40 6.32 18.54
C LEU A 167 -9.24 6.45 19.82
N HIS A 168 -10.43 7.01 19.70
CA HIS A 168 -11.37 7.11 20.83
C HIS A 168 -11.77 5.73 21.33
N ALA A 169 -12.01 4.81 20.41
CA ALA A 169 -12.37 3.44 20.78
C ALA A 169 -11.23 2.73 21.50
N LEU A 170 -10.02 2.88 20.97
CA LEU A 170 -8.82 2.30 21.62
C LEU A 170 -8.58 2.87 23.01
N PHE A 171 -8.59 4.20 23.12
CA PHE A 171 -8.32 4.87 24.36
C PHE A 171 -9.36 4.60 25.46
N THR A 172 -10.62 4.40 25.10
CA THR A 172 -11.67 4.27 26.13
C THR A 172 -12.15 2.85 26.29
N ARG A 173 -11.93 1.99 25.30
CA ARG A 173 -12.39 0.61 25.38
C ARG A 173 -11.39 -0.32 24.72
N PRO A 174 -10.14 -0.31 25.20
CA PRO A 174 -9.10 -1.03 24.47
C PRO A 174 -9.33 -2.54 24.53
N GLY A 175 -9.09 -3.22 23.41
CA GLY A 175 -9.16 -4.69 23.35
C GLY A 175 -10.52 -5.24 22.96
N GLU A 176 -11.52 -4.38 22.93
CA GLU A 176 -12.76 -4.68 22.26
C GLU A 176 -12.59 -5.04 20.79
N PHE A 177 -11.60 -4.43 20.13
CA PHE A 177 -11.13 -4.89 18.81
C PHE A 177 -9.75 -5.39 19.01
N ALA A 178 -9.31 -6.34 18.18
CA ALA A 178 -7.94 -6.81 18.29
C ALA A 178 -6.99 -5.86 17.55
N ARG A 179 -7.47 -5.24 16.49
CA ARG A 179 -6.63 -4.36 15.66
C ARG A 179 -7.36 -3.07 15.37
N TYR A 180 -6.67 -1.97 15.63
CA TYR A 180 -7.19 -0.63 15.42
C TYR A 180 -6.39 0.00 14.32
N ALA A 181 -7.06 0.54 13.29
CA ALA A 181 -6.37 1.06 12.14
C ALA A 181 -6.86 2.49 11.83
N ALA A 182 -5.99 3.47 12.08
CA ALA A 182 -6.34 4.88 12.02
C ALA A 182 -5.48 5.54 10.97
N ALA A 183 -6.10 5.92 9.86
CA ALA A 183 -5.40 6.58 8.77
C ALA A 183 -5.64 8.07 8.79
N SER A 184 -4.54 8.84 8.84
CA SER A 184 -4.57 10.30 8.93
C SER A 184 -5.63 10.78 9.92
N PRO A 185 -5.60 10.23 11.14
CA PRO A 185 -6.55 10.65 12.15
C PRO A 185 -6.41 12.14 12.42
N SER A 186 -7.54 12.79 12.63
CA SER A 186 -7.57 14.24 12.79
C SER A 186 -7.12 14.61 14.20
N LEU A 187 -5.83 14.46 14.47
CA LEU A 187 -5.28 14.67 15.82
C LEU A 187 -5.41 16.11 16.29
N TRP A 188 -5.46 17.04 15.34
CA TRP A 188 -5.67 18.45 15.64
C TRP A 188 -7.04 18.73 16.29
N TRP A 189 -8.01 17.86 16.09
CA TRP A 189 -9.43 18.16 16.41
C TRP A 189 -9.66 18.72 17.81
N ARG A 190 -10.32 19.86 17.88
CA ARG A 190 -10.58 20.54 19.15
C ARG A 190 -9.33 20.66 20.01
N ASP A 191 -8.31 21.29 19.44
CA ASP A 191 -7.04 21.55 20.13
C ASP A 191 -6.43 20.26 20.68
N GLY A 192 -6.51 19.18 19.93
CA GLY A 192 -5.84 17.94 20.33
C GLY A 192 -6.59 17.20 21.41
N ALA A 193 -7.89 17.39 21.47
CA ALA A 193 -8.70 16.74 22.50
C ALA A 193 -8.52 15.22 22.55
N ILE A 194 -8.31 14.55 21.43
CA ILE A 194 -8.16 13.10 21.48
C ILE A 194 -6.99 12.71 22.38
N LEU A 195 -5.98 13.57 22.45
CA LEU A 195 -4.77 13.25 23.22
C LEU A 195 -5.03 13.16 24.71
N GLY A 196 -5.97 13.97 25.23
CA GLY A 196 -6.38 13.88 26.63
C GLY A 196 -6.99 12.54 27.06
N GLU A 197 -7.61 11.85 26.11
CA GLU A 197 -8.26 10.57 26.39
C GLU A 197 -7.24 9.43 26.50
N ARG A 198 -6.02 9.67 26.03
CA ARG A 198 -5.00 8.65 26.10
C ARG A 198 -4.59 8.36 27.56
N ALA A 199 -4.65 9.35 28.43
CA ALA A 199 -4.31 9.14 29.84
C ALA A 199 -5.11 7.99 30.44
N GLY A 200 -4.43 7.12 31.16
CA GLY A 200 -5.05 5.95 31.77
C GLY A 200 -5.18 4.75 30.84
N LEU A 201 -4.64 4.83 29.63
CA LEU A 201 -4.74 3.71 28.70
C LEU A 201 -4.06 2.42 29.23
N GLU A 202 -2.87 2.54 29.81
CA GLU A 202 -2.16 1.35 30.32
C GLU A 202 -3.01 0.56 31.31
N GLN A 203 -3.68 1.29 32.19
CA GLN A 203 -4.59 0.71 33.19
C GLN A 203 -5.77 -0.01 32.53
N ARG A 204 -6.44 0.65 31.60
CA ARG A 204 -7.61 0.05 30.91
C ARG A 204 -7.20 -1.13 30.03
N LEU A 205 -5.95 -1.13 29.58
CA LEU A 205 -5.40 -2.21 28.76
C LEU A 205 -4.96 -3.44 29.56
N ARG A 206 -4.81 -3.32 30.89
CA ARG A 206 -4.22 -4.43 31.64
C ARG A 206 -4.94 -5.75 31.37
N GLY A 207 -4.16 -6.76 31.02
CA GLY A 207 -4.68 -8.11 30.82
C GLY A 207 -5.27 -8.29 29.43
N LYS A 208 -5.00 -7.33 28.54
CA LYS A 208 -5.49 -7.38 27.17
C LYS A 208 -4.39 -7.03 26.18
N ARG A 209 -4.64 -7.28 24.92
CA ARG A 209 -3.67 -7.02 23.85
C ARG A 209 -4.40 -6.27 22.77
N ALA A 210 -3.69 -5.34 22.11
CA ALA A 210 -4.24 -4.67 20.95
C ALA A 210 -3.10 -4.24 20.04
N GLU A 211 -3.43 -4.10 18.78
CA GLU A 211 -2.53 -3.59 17.79
C GLU A 211 -3.13 -2.28 17.28
N LEU A 212 -2.30 -1.23 17.17
CA LEU A 212 -2.68 0.03 16.54
C LEU A 212 -1.78 0.29 15.32
N LEU A 213 -2.44 0.43 14.16
CA LEU A 213 -1.81 0.82 12.91
C LEU A 213 -2.16 2.27 12.62
N LEU A 214 -1.12 3.06 12.33
CA LEU A 214 -1.30 4.47 12.03
C LEU A 214 -0.69 4.75 10.66
N TRP A 215 -1.31 5.66 9.91
CA TRP A 215 -0.75 6.13 8.66
C TRP A 215 -0.88 7.63 8.61
N ARG A 216 0.06 8.28 7.90
CA ARG A 216 -0.09 9.67 7.53
C ARG A 216 0.67 9.92 6.23
N GLY A 217 0.13 10.74 5.35
CA GLY A 217 0.82 11.09 4.11
C GLY A 217 1.79 12.24 4.34
N SER A 218 2.98 12.22 3.72
CA SER A 218 3.98 13.25 4.03
C SER A 218 3.66 14.61 3.42
N ALA A 219 2.78 14.64 2.42
CA ALA A 219 2.30 15.91 1.87
C ALA A 219 1.08 16.44 2.60
N GLU A 220 0.65 15.82 3.70
CA GLU A 220 -0.45 16.36 4.47
C GLU A 220 -0.03 17.59 5.30
N PRO A 221 -0.91 18.60 5.38
CA PRO A 221 -0.74 19.67 6.37
C PRO A 221 -0.94 19.16 7.80
N ALA A 222 -0.54 19.95 8.79
CA ALA A 222 -0.89 19.66 10.19
C ALA A 222 -2.43 19.60 10.37
N SER A 223 -3.12 20.61 9.82
CA SER A 223 -4.58 20.62 9.89
C SER A 223 -5.21 21.31 8.69
N PRO A 224 -6.56 21.32 8.64
CA PRO A 224 -7.18 22.05 7.56
C PRO A 224 -6.91 23.52 7.71
N ARG A 225 -6.59 23.96 8.95
CA ARG A 225 -6.14 25.33 9.18
C ARG A 225 -4.72 25.61 8.68
N GLY A 226 -4.05 24.58 8.18
CA GLY A 226 -2.65 24.70 7.81
C GLY A 226 -1.80 24.18 8.95
N SER A 227 -0.79 24.95 9.35
CA SER A 227 0.21 24.46 10.30
C SER A 227 0.56 25.52 11.34
N LEU A 228 -0.43 25.88 12.14
CA LEU A 228 -0.32 27.05 12.99
C LEU A 228 0.52 26.67 14.19
N LYS A 229 0.03 25.70 14.95
CA LYS A 229 0.53 25.44 16.30
C LYS A 229 1.72 24.47 16.26
N ALA A 230 1.76 23.59 15.26
CA ALA A 230 2.79 22.56 15.16
C ALA A 230 3.17 22.28 13.71
N GLU A 231 4.32 21.64 13.51
CA GLU A 231 4.74 21.27 12.16
C GLU A 231 4.06 19.99 11.70
N PRO A 232 3.81 19.85 10.39
CA PRO A 232 3.22 18.64 9.85
C PRO A 232 4.03 17.40 10.25
N GLY A 233 3.37 16.44 10.87
CA GLY A 233 4.01 15.21 11.29
C GLY A 233 4.32 15.16 12.77
N GLN A 234 4.29 16.32 13.42
CA GLN A 234 4.78 16.45 14.78
C GLN A 234 3.84 15.79 15.77
N ALA A 235 2.56 16.11 15.70
CA ALA A 235 1.57 15.47 16.57
C ALA A 235 1.63 13.97 16.35
N MET A 236 1.63 13.51 15.11
CA MET A 236 1.76 12.08 14.87
C MET A 236 3.03 11.49 15.48
N ALA A 237 4.18 12.15 15.29
CA ALA A 237 5.42 11.57 15.78
C ALA A 237 5.41 11.52 17.33
N ARG A 238 4.83 12.54 17.96
CA ARG A 238 4.71 12.56 19.42
C ARG A 238 3.79 11.44 19.90
N LEU A 239 2.67 11.26 19.22
CA LEU A 239 1.74 10.19 19.54
C LEU A 239 2.42 8.82 19.41
N VAL A 240 3.14 8.64 18.31
CA VAL A 240 3.82 7.36 18.05
C VAL A 240 4.90 7.10 19.12
N ASP A 241 5.67 8.12 19.44
CA ASP A 241 6.76 7.96 20.40
C ASP A 241 6.18 7.60 21.77
N ASP A 242 5.05 8.20 22.09
CA ASP A 242 4.35 7.91 23.32
C ASP A 242 3.80 6.47 23.35
N LEU A 243 3.07 6.09 22.32
CA LEU A 243 2.36 4.79 22.33
C LEU A 243 3.28 3.62 22.03
N ARG A 244 4.41 3.91 21.38
CA ARG A 244 5.50 2.95 21.20
C ARG A 244 5.89 2.21 22.49
N ARG A 245 5.75 2.85 23.64
CA ARG A 245 6.31 2.29 24.86
C ARG A 245 5.23 1.64 25.75
N VAL A 246 4.09 1.26 25.18
CA VAL A 246 2.96 0.81 26.00
C VAL A 246 2.87 -0.71 26.00
N ALA A 247 2.93 -1.31 27.19
CA ALA A 247 2.85 -2.77 27.34
C ALA A 247 1.48 -3.27 26.87
N GLY A 248 1.48 -4.30 26.02
CA GLY A 248 0.26 -4.89 25.52
C GLY A 248 -0.23 -4.25 24.23
N LEU A 249 0.36 -3.13 23.85
CA LEU A 249 -0.02 -2.47 22.62
C LEU A 249 1.05 -2.66 21.57
N THR A 250 0.71 -3.20 20.41
CA THR A 250 1.65 -3.32 19.33
C THR A 250 1.36 -2.17 18.36
N LEU A 251 2.35 -1.31 18.17
CA LEU A 251 2.17 -0.08 17.45
C LEU A 251 2.93 -0.15 16.15
N ASP A 252 2.26 0.15 15.04
CA ASP A 252 2.93 0.12 13.74
C ASP A 252 2.55 1.40 12.98
N PHE A 253 3.53 2.28 12.84
CA PHE A 253 3.34 3.51 12.10
C PHE A 253 3.95 3.37 10.71
N GLN A 254 3.17 3.73 9.71
CA GLN A 254 3.63 3.65 8.31
C GLN A 254 3.39 4.99 7.60
N PRO A 255 4.43 5.79 7.44
CA PRO A 255 4.31 7.04 6.69
C PRO A 255 4.15 6.70 5.22
N LEU A 256 3.33 7.48 4.54
CA LEU A 256 3.11 7.28 3.12
C LEU A 256 3.73 8.44 2.33
N ASP A 257 4.93 8.23 1.83
CA ASP A 257 5.72 9.33 1.28
C ASP A 257 4.97 10.04 0.12
N GLY A 258 4.87 11.36 0.17
CA GLY A 258 4.29 12.15 -0.93
C GLY A 258 2.77 12.06 -1.13
N LEU A 259 2.06 11.31 -0.28
CA LEU A 259 0.60 11.23 -0.36
C LEU A 259 -0.02 12.35 0.43
N GLY A 260 -1.10 12.89 -0.11
CA GLY A 260 -1.88 13.88 0.57
C GLY A 260 -3.01 13.18 1.34
N HIS A 261 -3.90 13.99 1.87
CA HIS A 261 -4.85 13.54 2.88
C HIS A 261 -5.88 12.54 2.31
N GLY A 262 -6.48 12.94 1.21
CA GLY A 262 -7.49 12.14 0.50
C GLY A 262 -6.92 10.79 0.10
N GLU A 263 -5.67 10.79 -0.36
CA GLU A 263 -5.02 9.60 -0.88
C GLU A 263 -4.72 8.55 0.18
N THR A 264 -4.62 8.92 1.45
CA THR A 264 -4.32 7.90 2.44
C THR A 264 -5.53 7.01 2.76
N LEU A 265 -6.73 7.43 2.36
CA LEU A 265 -7.92 6.62 2.58
C LEU A 265 -7.73 5.26 1.86
N GLY A 266 -7.59 5.30 0.54
CA GLY A 266 -7.40 4.05 -0.20
C GLY A 266 -6.08 3.33 0.08
N ALA A 267 -5.02 4.09 0.23
CA ALA A 267 -3.73 3.52 0.52
C ALA A 267 -3.79 2.75 1.83
N SER A 268 -4.29 3.37 2.89
CA SER A 268 -4.31 2.70 4.17
C SER A 268 -5.14 1.42 4.09
N LEU A 269 -6.23 1.44 3.35
CA LEU A 269 -7.13 0.30 3.28
C LEU A 269 -6.53 -0.87 2.51
N ARG A 270 -5.96 -0.60 1.32
CA ARG A 270 -5.19 -1.61 0.58
C ARG A 270 -4.11 -2.25 1.45
N LEU A 271 -3.38 -1.40 2.20
CA LEU A 271 -2.26 -1.90 2.99
C LEU A 271 -2.74 -2.66 4.25
N LEU A 272 -3.81 -2.16 4.88
CA LEU A 272 -4.41 -2.90 6.00
C LEU A 272 -4.78 -4.29 5.53
N LEU A 273 -5.45 -4.35 4.38
CA LEU A 273 -5.99 -5.60 3.88
C LEU A 273 -4.93 -6.57 3.39
N ALA A 274 -3.73 -6.03 3.11
CA ALA A 274 -2.56 -6.86 2.79
C ALA A 274 -1.79 -7.37 4.02
N ARG A 275 -2.09 -6.85 5.21
CA ARG A 275 -1.41 -7.32 6.42
C ARG A 275 -1.79 -8.78 6.67
N PRO A 276 -0.95 -9.52 7.42
CA PRO A 276 -1.38 -10.85 7.92
C PRO A 276 -2.62 -10.74 8.80
N ALA A 277 -3.48 -11.75 8.77
CA ALA A 277 -4.75 -11.64 9.47
C ALA A 277 -4.48 -11.52 10.98
N VAL A 278 -5.44 -10.94 11.69
CA VAL A 278 -5.44 -10.87 13.14
C VAL A 278 -5.38 -12.23 13.78
N GLU A 279 -4.47 -12.38 14.73
CA GLU A 279 -4.42 -13.55 15.62
C GLU A 279 -5.62 -13.62 16.55
N ALA B 9 13.66 17.44 -8.31
CA ALA B 9 13.46 16.86 -6.95
C ALA B 9 14.63 15.98 -6.49
N THR B 10 15.05 16.22 -5.24
CA THR B 10 16.21 15.53 -4.67
C THR B 10 15.79 14.27 -3.92
N MET B 11 16.71 13.33 -3.93
CA MET B 11 16.58 12.02 -3.33
C MET B 11 16.46 12.10 -1.79
N ASP B 12 15.67 11.23 -1.17
CA ASP B 12 15.70 11.06 0.30
C ASP B 12 16.73 10.01 0.71
N ARG B 13 17.93 10.47 1.07
CA ARG B 13 18.97 9.61 1.66
C ARG B 13 18.77 9.35 3.16
N SER B 14 17.74 9.99 3.74
CA SER B 14 17.33 9.81 5.15
C SER B 14 17.27 8.38 5.73
N LEU B 15 16.87 7.41 4.92
CA LEU B 15 16.81 6.01 5.35
C LEU B 15 18.19 5.29 5.38
N LEU B 16 19.05 5.66 4.45
CA LEU B 16 20.27 4.89 4.19
C LEU B 16 21.28 4.99 5.34
N GLN B 17 21.15 6.04 6.17
CA GLN B 17 22.06 6.29 7.31
C GLN B 17 21.65 5.52 8.53
N ARG B 18 20.46 4.94 8.49
CA ARG B 18 19.84 4.46 9.73
C ARG B 18 20.45 3.12 10.10
N GLN B 19 20.64 2.94 11.41
CA GLN B 19 21.30 1.78 12.00
C GLN B 19 20.32 1.00 12.89
N ASP B 20 19.08 1.47 12.98
CA ASP B 20 18.11 0.98 13.98
C ASP B 20 16.93 0.20 13.34
N LEU B 21 17.10 -0.28 12.12
CA LEU B 21 16.07 -1.05 11.41
C LEU B 21 16.58 -2.47 11.23
N PRO B 22 15.70 -3.43 10.91
CA PRO B 22 16.18 -4.79 10.60
C PRO B 22 16.65 -4.94 9.15
N TYR B 23 16.93 -3.81 8.50
CA TYR B 23 17.69 -3.75 7.28
C TYR B 23 18.86 -2.80 7.47
N ARG B 24 19.95 -3.06 6.75
CA ARG B 24 21.05 -2.09 6.67
C ARG B 24 21.40 -1.86 5.22
N PHE B 25 21.96 -0.69 4.94
CA PHE B 25 22.15 -0.24 3.58
C PHE B 25 23.62 0.02 3.26
N SER B 26 23.99 -0.37 2.06
CA SER B 26 25.30 -0.07 1.48
C SER B 26 25.09 0.24 0.02
N ALA B 27 26.10 0.80 -0.63
CA ALA B 27 26.05 1.14 -2.05
C ALA B 27 27.27 0.60 -2.81
N VAL B 28 27.07 0.17 -4.05
CA VAL B 28 28.16 -0.08 -4.98
C VAL B 28 27.90 0.69 -6.29
N ASP B 29 28.98 1.10 -6.93
CA ASP B 29 28.92 1.91 -8.12
C ASP B 29 29.37 1.08 -9.35
N LEU B 30 28.72 1.32 -10.47
CA LEU B 30 29.08 0.71 -11.74
C LEU B 30 28.86 1.72 -12.84
N ASP B 31 29.65 1.64 -13.90
CA ASP B 31 29.43 2.45 -15.09
C ASP B 31 28.84 1.59 -16.19
N SER B 32 28.10 2.22 -17.09
CA SER B 32 27.72 1.58 -18.34
C SER B 32 28.97 1.25 -19.18
N VAL B 33 28.81 0.29 -20.08
CA VAL B 33 29.88 -0.14 -20.95
C VAL B 33 30.42 1.03 -21.76
N ASP B 34 29.54 1.91 -22.22
CA ASP B 34 29.94 3.08 -23.01
C ASP B 34 30.51 4.23 -22.17
N GLY B 35 30.50 4.08 -20.84
CA GLY B 35 31.07 5.09 -19.94
C GLY B 35 30.17 6.31 -19.71
N GLN B 36 28.99 6.36 -20.32
CA GLN B 36 28.21 7.60 -20.34
C GLN B 36 27.24 7.69 -19.17
N ARG B 37 26.91 6.55 -18.58
CA ARG B 37 25.94 6.51 -17.49
C ARG B 37 26.59 5.90 -16.24
N HIS B 38 26.33 6.52 -15.08
CA HIS B 38 27.00 6.21 -13.87
C HIS B 38 25.95 5.73 -12.86
N TYR B 39 26.00 4.46 -12.53
CA TYR B 39 25.00 3.86 -11.66
C TYR B 39 25.49 3.84 -10.22
N ARG B 40 24.55 3.92 -9.29
CA ARG B 40 24.79 3.63 -7.89
C ARG B 40 23.69 2.67 -7.45
N LEU B 41 24.09 1.49 -7.01
CA LEU B 41 23.15 0.51 -6.51
C LEU B 41 23.08 0.55 -4.98
N TRP B 42 21.90 0.89 -4.48
N TRP B 42 21.93 0.95 -4.44
CA TRP B 42 21.68 0.86 -3.04
CA TRP B 42 21.73 0.88 -3.00
C TRP B 42 21.17 -0.51 -2.67
C TRP B 42 21.18 -0.51 -2.65
N LEU B 43 21.90 -1.17 -1.75
CA LEU B 43 21.57 -2.54 -1.34
C LEU B 43 21.04 -2.52 0.08
N GLY B 44 19.77 -2.94 0.21
CA GLY B 44 19.16 -3.16 1.51
C GLY B 44 19.30 -4.64 1.87
N ARG B 45 20.07 -4.93 2.89
CA ARG B 45 20.28 -6.29 3.36
C ARG B 45 19.58 -6.49 4.69
N PRO B 46 18.75 -7.54 4.79
CA PRO B 46 18.05 -7.83 6.02
C PRO B 46 19.03 -8.26 7.10
N LEU B 47 18.72 -7.95 8.35
CA LEU B 47 19.45 -8.48 9.51
C LEU B 47 18.76 -9.80 9.84
N GLN B 48 18.83 -10.69 8.86
CA GLN B 48 18.50 -12.10 9.05
C GLN B 48 19.55 -12.85 8.25
N ALA B 49 20.03 -13.96 8.81
CA ALA B 49 20.85 -14.89 8.05
C ALA B 49 20.14 -15.27 6.72
N PRO B 50 20.90 -15.40 5.63
CA PRO B 50 20.23 -15.82 4.41
C PRO B 50 19.84 -17.32 4.49
N PRO B 51 18.81 -17.70 3.72
CA PRO B 51 18.43 -19.10 3.65
C PRO B 51 19.44 -19.86 2.81
N ALA B 52 19.26 -21.16 2.74
CA ALA B 52 20.25 -22.06 2.16
C ALA B 52 20.65 -21.59 0.76
N ALA B 53 19.66 -21.23 -0.07
CA ALA B 53 19.92 -20.86 -1.48
C ALA B 53 20.23 -19.37 -1.72
N GLY B 54 20.27 -18.57 -0.64
CA GLY B 54 20.57 -17.13 -0.80
C GLY B 54 19.33 -16.27 -0.68
N TYR B 55 19.50 -14.96 -0.62
CA TYR B 55 18.37 -14.07 -0.46
C TYR B 55 17.60 -13.99 -1.76
N PRO B 56 16.28 -14.05 -1.69
CA PRO B 56 15.53 -13.56 -2.85
C PRO B 56 15.88 -12.08 -3.08
N VAL B 57 15.77 -11.60 -4.32
CA VAL B 57 16.23 -10.30 -4.67
C VAL B 57 15.12 -9.50 -5.36
N VAL B 58 14.94 -8.26 -4.91
CA VAL B 58 14.03 -7.32 -5.54
C VAL B 58 14.83 -6.19 -6.15
N TRP B 59 14.90 -6.20 -7.48
CA TRP B 59 15.55 -5.16 -8.24
C TRP B 59 14.56 -4.03 -8.58
N MET B 60 14.95 -2.81 -8.25
CA MET B 60 14.11 -1.63 -8.50
C MET B 60 14.77 -0.62 -9.41
N LEU B 61 14.10 -0.29 -10.50
CA LEU B 61 14.52 0.80 -11.36
C LEU B 61 14.21 2.14 -10.70
N ASP B 62 14.71 3.19 -11.32
CA ASP B 62 14.65 4.55 -10.74
C ASP B 62 15.03 4.53 -9.25
N GLY B 63 16.17 3.92 -9.01
CA GLY B 63 16.64 3.59 -7.67
C GLY B 63 16.65 4.76 -6.68
N ASN B 64 17.05 5.94 -7.12
CA ASN B 64 17.02 7.09 -6.24
C ASN B 64 15.59 7.37 -5.71
N ALA B 65 14.57 7.26 -6.56
CA ALA B 65 13.19 7.46 -6.10
C ALA B 65 12.71 6.29 -5.27
N ALA B 66 13.12 5.09 -5.66
CA ALA B 66 12.68 3.89 -4.96
C ALA B 66 13.07 3.93 -3.50
N VAL B 67 14.30 4.38 -3.20
CA VAL B 67 14.79 4.53 -1.82
C VAL B 67 13.81 5.31 -0.95
N GLY B 68 13.31 6.41 -1.46
CA GLY B 68 12.39 7.22 -0.72
C GLY B 68 11.05 6.60 -0.44
N ALA B 69 10.70 5.54 -1.16
CA ALA B 69 9.42 4.88 -0.95
C ALA B 69 9.53 3.63 -0.05
N LEU B 70 10.72 3.32 0.41
CA LEU B 70 10.93 2.19 1.29
C LEU B 70 10.72 2.64 2.73
N ASP B 71 9.51 2.47 3.26
CA ASP B 71 9.22 2.92 4.60
C ASP B 71 9.57 1.89 5.66
N GLU B 72 9.73 2.39 6.88
CA GLU B 72 10.08 1.61 8.05
C GLU B 72 9.09 0.46 8.37
N SER B 73 7.79 0.67 8.21
CA SER B 73 6.80 -0.36 8.52
C SER B 73 6.98 -1.53 7.54
N THR B 74 7.20 -1.20 6.27
CA THR B 74 7.41 -2.18 5.22
C THR B 74 8.65 -3.00 5.52
N LEU B 75 9.73 -2.33 5.86
CA LEU B 75 10.98 -3.02 6.10
C LEU B 75 10.90 -3.97 7.29
N ARG B 76 10.22 -3.56 8.35
CA ARG B 76 10.04 -4.46 9.49
C ARG B 76 9.23 -5.71 9.15
N ARG B 77 8.14 -5.56 8.41
CA ARG B 77 7.38 -6.74 7.92
C ARG B 77 8.18 -7.62 6.99
N LEU B 78 8.97 -7.05 6.09
CA LEU B 78 9.86 -7.86 5.24
C LEU B 78 10.80 -8.75 6.06
N ALA B 79 11.33 -8.21 7.16
CA ALA B 79 12.19 -9.00 8.05
C ALA B 79 11.51 -10.18 8.76
N ASP B 80 10.19 -10.31 8.69
CA ASP B 80 9.48 -11.45 9.28
C ASP B 80 9.31 -12.63 8.34
N GLY B 81 9.36 -12.38 7.02
CA GLY B 81 9.44 -13.42 6.00
C GLY B 81 10.84 -13.97 5.75
N ASP B 82 11.06 -14.65 4.62
CA ASP B 82 12.43 -14.74 4.10
C ASP B 82 12.71 -13.42 3.44
N ALA B 83 13.24 -12.50 4.24
CA ALA B 83 13.47 -11.12 3.82
C ALA B 83 14.32 -11.07 2.56
N PRO B 84 13.87 -10.27 1.57
CA PRO B 84 14.64 -10.17 0.35
C PRO B 84 15.78 -9.16 0.46
N LEU B 85 16.79 -9.35 -0.38
CA LEU B 85 17.76 -8.31 -0.66
C LEU B 85 17.13 -7.30 -1.60
N LEU B 86 17.22 -6.03 -1.23
CA LEU B 86 16.60 -4.95 -1.98
C LEU B 86 17.74 -4.26 -2.74
N VAL B 87 17.57 -4.07 -4.06
CA VAL B 87 18.61 -3.47 -4.85
C VAL B 87 17.95 -2.35 -5.65
N ALA B 88 18.22 -1.12 -5.26
CA ALA B 88 17.70 0.02 -5.97
C ALA B 88 18.76 0.47 -6.98
N ILE B 89 18.42 0.35 -8.26
CA ILE B 89 19.35 0.67 -9.34
C ILE B 89 19.24 2.15 -9.65
N GLY B 90 20.07 2.97 -8.98
CA GLY B 90 20.03 4.42 -9.14
C GLY B 90 21.11 4.94 -10.07
N TYR B 91 21.16 6.25 -10.23
CA TYR B 91 22.19 6.95 -10.95
C TYR B 91 22.98 7.82 -9.96
N ARG B 92 24.25 8.09 -10.24
CA ARG B 92 25.03 8.93 -9.33
C ARG B 92 24.67 10.35 -9.61
N THR B 93 23.64 10.81 -8.94
CA THR B 93 23.15 12.18 -9.04
C THR B 93 22.37 12.33 -7.73
N PRO B 94 22.39 13.53 -7.14
CA PRO B 94 21.48 13.73 -5.99
C PRO B 94 19.98 13.63 -6.36
N LEU B 95 19.67 13.69 -7.66
CA LEU B 95 18.27 13.71 -8.15
C LEU B 95 17.52 12.38 -7.93
N ARG B 96 16.20 12.49 -7.71
CA ARG B 96 15.31 11.32 -7.63
C ARG B 96 15.28 10.51 -8.94
N ILE B 97 15.32 11.26 -10.03
CA ILE B 97 15.01 10.79 -11.37
C ILE B 97 16.13 11.33 -12.26
N ASP B 98 16.72 10.49 -13.09
CA ASP B 98 17.76 10.97 -14.04
C ASP B 98 17.21 10.79 -15.44
N ARG B 99 16.82 11.92 -16.05
CA ARG B 99 16.07 11.89 -17.30
C ARG B 99 16.89 11.29 -18.46
N ALA B 100 18.12 11.75 -18.67
CA ALA B 100 18.89 11.29 -19.83
C ALA B 100 19.20 9.81 -19.68
N GLY B 101 19.71 9.44 -18.50
CA GLY B 101 20.07 8.04 -18.25
C GLY B 101 18.87 7.11 -18.41
N ARG B 102 17.77 7.44 -17.73
CA ARG B 102 16.61 6.57 -17.77
C ARG B 102 15.95 6.51 -19.15
N THR B 103 15.96 7.62 -19.86
CA THR B 103 15.36 7.67 -21.18
C THR B 103 16.06 6.67 -22.10
N PHE B 104 17.38 6.58 -21.98
CA PHE B 104 18.15 5.64 -22.81
C PHE B 104 18.03 4.22 -22.26
N ASP B 105 18.25 4.04 -20.95
CA ASP B 105 18.27 2.69 -20.37
C ASP B 105 16.92 1.95 -20.45
N TYR B 106 15.81 2.66 -20.33
CA TYR B 106 14.52 2.02 -20.09
C TYR B 106 13.67 1.83 -21.35
N THR B 107 14.13 2.32 -22.49
CA THR B 107 13.29 2.31 -23.69
C THR B 107 13.82 1.30 -24.69
N PRO B 108 12.90 0.55 -25.32
CA PRO B 108 13.32 -0.40 -26.34
C PRO B 108 13.76 0.26 -27.68
N ALA B 109 14.57 -0.43 -28.44
CA ALA B 109 14.97 0.07 -29.78
C ALA B 109 13.90 -0.29 -30.78
N SER B 110 13.61 0.59 -31.73
CA SER B 110 12.74 0.25 -32.86
C SER B 110 13.47 -0.55 -33.94
N PRO B 111 12.73 -1.41 -34.68
CA PRO B 111 13.19 -2.19 -35.82
C PRO B 111 14.35 -1.61 -36.65
N ASP B 115 19.44 4.98 -34.49
CA ASP B 115 19.92 6.09 -33.68
C ASP B 115 18.79 6.93 -33.11
N GLN B 116 18.09 6.30 -32.19
CA GLN B 116 16.72 6.66 -31.88
C GLN B 116 16.71 7.80 -30.87
N ARG B 117 15.69 8.64 -31.00
CA ARG B 117 15.40 9.71 -30.07
C ARG B 117 14.04 9.46 -29.40
N ASP B 118 13.95 9.81 -28.13
CA ASP B 118 12.70 9.78 -27.42
C ASP B 118 11.70 10.76 -28.05
N PRO B 119 10.46 10.28 -28.32
CA PRO B 119 9.47 11.12 -29.01
C PRO B 119 8.87 12.25 -28.17
N LEU B 120 9.03 12.23 -26.85
CA LEU B 120 8.60 13.32 -25.99
C LEU B 120 9.75 14.31 -25.77
N ASN B 121 10.89 13.82 -25.29
CA ASN B 121 11.96 14.70 -24.79
C ASN B 121 13.20 14.78 -25.69
N GLY B 122 13.22 14.01 -26.78
CA GLY B 122 14.28 14.17 -27.80
C GLY B 122 15.62 13.54 -27.48
N LEU B 123 15.75 12.97 -26.29
CA LEU B 123 17.03 12.43 -25.83
C LEU B 123 17.26 11.04 -26.42
N PRO B 124 18.52 10.58 -26.49
CA PRO B 124 18.75 9.23 -27.03
C PRO B 124 17.90 8.18 -26.32
N SER B 125 17.29 7.31 -27.11
CA SER B 125 16.51 6.21 -26.59
C SER B 125 17.03 4.86 -27.11
N GLY B 126 16.44 3.76 -26.66
CA GLY B 126 16.68 2.47 -27.32
C GLY B 126 17.72 1.59 -26.65
N GLY B 127 18.06 1.90 -25.42
CA GLY B 127 19.15 1.24 -24.74
C GLY B 127 18.73 0.16 -23.77
N ALA B 128 17.49 -0.30 -23.88
CA ALA B 128 16.95 -1.32 -22.95
C ALA B 128 17.76 -2.61 -22.91
N ASP B 129 18.19 -3.12 -24.05
CA ASP B 129 18.91 -4.39 -24.03
C ASP B 129 20.29 -4.24 -23.47
N ALA B 130 20.96 -3.13 -23.73
CA ALA B 130 22.26 -2.89 -23.10
C ALA B 130 22.10 -2.76 -21.58
N PHE B 131 21.03 -2.12 -21.14
CA PHE B 131 20.76 -2.02 -19.69
C PHE B 131 20.51 -3.41 -19.08
N LEU B 132 19.71 -4.23 -19.74
CA LEU B 132 19.44 -5.58 -19.21
C LEU B 132 20.69 -6.48 -19.24
N ASP B 133 21.54 -6.30 -20.24
CA ASP B 133 22.81 -7.05 -20.28
C ASP B 133 23.71 -6.63 -19.12
N LEU B 134 23.73 -5.33 -18.85
CA LEU B 134 24.51 -4.82 -17.73
C LEU B 134 23.99 -5.33 -16.38
N LEU B 135 22.68 -5.33 -16.22
CA LEU B 135 22.07 -5.93 -15.06
C LEU B 135 22.58 -7.36 -14.87
N ARG B 136 22.53 -8.16 -15.92
CA ARG B 136 22.90 -9.57 -15.86
C ARG B 136 24.40 -9.76 -15.65
N ASP B 137 25.19 -9.01 -16.40
CA ASP B 137 26.63 -9.32 -16.53
C ASP B 137 27.48 -8.50 -15.58
N GLY B 138 26.99 -7.33 -15.18
CA GLY B 138 27.74 -6.41 -14.31
C GLY B 138 27.14 -6.27 -12.91
N MET B 139 25.85 -5.97 -12.86
CA MET B 139 25.25 -5.63 -11.58
C MET B 139 25.07 -6.87 -10.73
N ARG B 140 24.66 -7.97 -11.35
CA ARG B 140 24.40 -9.14 -10.52
C ARG B 140 25.69 -9.64 -9.82
N PRO B 141 26.80 -9.78 -10.56
CA PRO B 141 28.03 -10.20 -9.87
C PRO B 141 28.50 -9.17 -8.81
N ALA B 142 28.32 -7.88 -9.11
CA ALA B 142 28.70 -6.85 -8.14
C ALA B 142 27.88 -7.01 -6.84
N VAL B 143 26.60 -7.31 -7.00
CA VAL B 143 25.69 -7.45 -5.85
C VAL B 143 25.97 -8.76 -5.14
N ALA B 144 26.17 -9.83 -5.92
CA ALA B 144 26.48 -11.16 -5.35
C ALA B 144 27.73 -11.16 -4.49
N ALA B 145 28.70 -10.32 -4.80
CA ALA B 145 29.90 -10.25 -3.99
C ALA B 145 29.60 -9.64 -2.61
N GLN B 146 28.50 -8.91 -2.49
CA GLN B 146 28.11 -8.28 -1.23
C GLN B 146 27.15 -9.17 -0.41
N ALA B 147 26.25 -9.88 -1.09
CA ALA B 147 25.32 -10.81 -0.39
C ALA B 147 24.99 -12.04 -1.27
N PRO B 148 24.82 -13.23 -0.66
CA PRO B 148 24.35 -14.39 -1.45
C PRO B 148 22.92 -14.19 -2.03
N LEU B 149 22.75 -14.48 -3.31
CA LEU B 149 21.50 -14.29 -4.04
C LEU B 149 20.92 -15.63 -4.45
N ASP B 150 19.59 -15.74 -4.37
CA ASP B 150 18.87 -16.83 -5.00
C ASP B 150 18.34 -16.39 -6.37
N THR B 151 19.01 -16.84 -7.44
CA THR B 151 18.73 -16.33 -8.78
C THR B 151 17.39 -16.87 -9.32
N ALA B 152 16.82 -17.84 -8.63
CA ALA B 152 15.51 -18.39 -8.99
C ALA B 152 14.38 -17.58 -8.37
N ARG B 153 14.72 -16.61 -7.51
CA ARG B 153 13.70 -15.82 -6.81
C ARG B 153 13.95 -14.31 -6.90
N GLN B 154 13.99 -13.82 -8.14
CA GLN B 154 14.24 -12.44 -8.41
C GLN B 154 13.01 -11.74 -8.95
N THR B 155 12.89 -10.47 -8.57
CA THR B 155 11.77 -9.61 -8.98
C THR B 155 12.39 -8.43 -9.67
N LEU B 156 11.74 -7.98 -10.74
CA LEU B 156 12.06 -6.71 -11.36
C LEU B 156 10.87 -5.77 -11.32
N TRP B 157 11.08 -4.59 -10.73
CA TRP B 157 10.05 -3.56 -10.58
C TRP B 157 10.46 -2.25 -11.25
N GLY B 158 9.49 -1.55 -11.83
CA GLY B 158 9.74 -0.27 -12.46
C GLY B 158 8.45 0.48 -12.58
N HIS B 159 8.56 1.80 -12.61
CA HIS B 159 7.44 2.71 -12.72
C HIS B 159 7.62 3.60 -13.96
N SER B 160 6.55 3.73 -14.71
CA SER B 160 6.51 4.66 -15.85
C SER B 160 7.41 4.13 -16.99
N TYR B 161 8.43 4.88 -17.40
CA TYR B 161 9.41 4.33 -18.35
C TYR B 161 10.02 3.05 -17.76
N GLY B 162 10.14 2.99 -16.44
CA GLY B 162 10.66 1.81 -15.77
C GLY B 162 9.75 0.63 -16.00
N GLY B 163 8.45 0.90 -16.04
CA GLY B 163 7.48 -0.11 -16.34
C GLY B 163 7.58 -0.60 -17.78
N LEU B 164 7.92 0.31 -18.67
CA LEU B 164 8.26 -0.06 -20.03
C LEU B 164 9.40 -1.07 -20.09
N LEU B 165 10.45 -0.77 -19.33
CA LEU B 165 11.62 -1.65 -19.32
C LEU B 165 11.23 -3.03 -18.78
N VAL B 166 10.45 -3.04 -17.70
CA VAL B 166 9.99 -4.30 -17.11
C VAL B 166 9.22 -5.13 -18.13
N LEU B 167 8.36 -4.48 -18.92
CA LEU B 167 7.60 -5.18 -19.93
C LEU B 167 8.47 -5.69 -21.06
N HIS B 168 9.46 -4.89 -21.45
CA HIS B 168 10.41 -5.29 -22.49
C HIS B 168 11.17 -6.53 -22.06
N ALA B 169 11.52 -6.58 -20.78
CA ALA B 169 12.27 -7.70 -20.22
C ALA B 169 11.42 -8.97 -20.23
N LEU B 170 10.17 -8.85 -19.76
CA LEU B 170 9.25 -10.01 -19.79
C LEU B 170 8.99 -10.51 -21.20
N PHE B 171 8.64 -9.58 -22.10
CA PHE B 171 8.27 -9.94 -23.45
C PHE B 171 9.41 -10.56 -24.25
N THR B 172 10.63 -10.07 -24.06
CA THR B 172 11.73 -10.48 -24.96
C THR B 172 12.75 -11.38 -24.28
N ARG B 173 12.79 -11.42 -22.95
CA ARG B 173 13.67 -12.35 -22.23
C ARG B 173 13.00 -12.96 -21.02
N PRO B 174 11.83 -13.58 -21.21
CA PRO B 174 11.06 -14.05 -20.09
C PRO B 174 11.81 -15.10 -19.27
N GLY B 175 11.70 -15.03 -17.94
CA GLY B 175 12.22 -16.13 -17.11
C GLY B 175 13.58 -15.83 -16.52
N GLU B 176 14.20 -14.76 -17.00
CA GLU B 176 15.33 -14.15 -16.34
C GLU B 176 14.96 -13.76 -14.86
N PHE B 177 13.72 -13.31 -14.65
CA PHE B 177 13.19 -12.97 -13.34
C PHE B 177 11.96 -13.83 -13.12
N ALA B 178 11.66 -14.15 -11.86
CA ALA B 178 10.43 -14.92 -11.54
C ALA B 178 9.21 -14.00 -11.55
N ARG B 179 9.42 -12.75 -11.15
CA ARG B 179 8.30 -11.83 -10.98
C ARG B 179 8.64 -10.50 -11.60
N TYR B 180 7.73 -10.00 -12.42
CA TYR B 180 7.85 -8.72 -13.11
C TYR B 180 6.74 -7.80 -12.55
N ALA B 181 7.11 -6.58 -12.21
CA ALA B 181 6.21 -5.63 -11.57
C ALA B 181 6.31 -4.27 -12.25
N ALA B 182 5.25 -3.90 -12.95
CA ALA B 182 5.25 -2.73 -13.81
C ALA B 182 4.14 -1.80 -13.36
N ALA B 183 4.52 -0.67 -12.79
CA ALA B 183 3.57 0.32 -12.29
C ALA B 183 3.44 1.50 -13.26
N SER B 184 2.20 1.79 -13.65
CA SER B 184 1.86 2.83 -14.65
C SER B 184 2.84 2.83 -15.80
N PRO B 185 3.08 1.65 -16.41
CA PRO B 185 3.98 1.62 -17.56
C PRO B 185 3.51 2.54 -18.67
N SER B 186 4.46 3.18 -19.35
CA SER B 186 4.13 4.23 -20.29
C SER B 186 3.72 3.61 -21.62
N LEU B 187 2.55 2.97 -21.66
CA LEU B 187 2.15 2.17 -22.80
C LEU B 187 1.94 2.99 -24.09
N TRP B 188 1.64 4.28 -23.96
CA TRP B 188 1.58 5.20 -25.09
C TRP B 188 2.90 5.34 -25.88
N TRP B 189 4.04 5.02 -25.25
CA TRP B 189 5.35 5.36 -25.80
C TRP B 189 5.57 4.87 -27.24
N ARG B 190 5.96 5.81 -28.10
CA ARG B 190 6.15 5.53 -29.52
C ARG B 190 4.92 4.81 -30.11
N ASP B 191 3.75 5.42 -29.94
CA ASP B 191 2.47 4.88 -30.42
C ASP B 191 2.26 3.42 -30.02
N GLY B 192 2.55 3.09 -28.77
CA GLY B 192 2.25 1.77 -28.26
C GLY B 192 3.22 0.70 -28.71
N ALA B 193 4.44 1.10 -29.06
CA ALA B 193 5.45 0.16 -29.51
C ALA B 193 5.68 -1.02 -28.56
N ILE B 194 5.64 -0.79 -27.24
CA ILE B 194 5.90 -1.90 -26.33
C ILE B 194 4.91 -3.06 -26.55
N LEU B 195 3.70 -2.72 -26.98
CA LEU B 195 2.64 -3.70 -27.12
C LEU B 195 2.99 -4.74 -28.22
N GLY B 196 3.63 -4.30 -29.30
CA GLY B 196 4.02 -5.19 -30.39
C GLY B 196 5.10 -6.22 -30.02
N GLU B 197 5.87 -5.97 -28.97
CA GLU B 197 6.87 -6.92 -28.50
C GLU B 197 6.26 -8.13 -27.78
N ARG B 198 4.98 -8.04 -27.44
CA ARG B 198 4.33 -9.14 -26.75
C ARG B 198 4.22 -10.38 -27.66
N ALA B 199 4.08 -10.16 -28.97
CA ALA B 199 3.79 -11.27 -29.88
C ALA B 199 4.86 -12.35 -29.76
N GLY B 200 4.44 -13.62 -29.69
CA GLY B 200 5.35 -14.74 -29.50
C GLY B 200 5.73 -15.02 -28.05
N LEU B 201 5.11 -14.34 -27.10
CA LEU B 201 5.46 -14.58 -25.69
C LEU B 201 5.21 -16.02 -25.21
N GLU B 202 4.06 -16.61 -25.57
CA GLU B 202 3.74 -18.00 -25.18
C GLU B 202 4.92 -18.93 -25.54
N GLN B 203 5.38 -18.83 -26.78
CA GLN B 203 6.52 -19.59 -27.29
C GLN B 203 7.82 -19.37 -26.47
N ARG B 204 8.21 -18.12 -26.25
CA ARG B 204 9.46 -17.84 -25.51
C ARG B 204 9.36 -18.23 -24.03
N LEU B 205 8.12 -18.28 -23.52
CA LEU B 205 7.87 -18.69 -22.14
C LEU B 205 7.78 -20.22 -21.95
N ARG B 206 7.79 -20.98 -23.04
CA ARG B 206 7.60 -22.44 -22.97
C ARG B 206 8.61 -23.07 -22.04
N GLY B 207 8.13 -23.97 -21.19
CA GLY B 207 8.96 -24.57 -20.15
C GLY B 207 9.32 -23.67 -18.97
N LYS B 208 8.68 -22.51 -18.83
CA LYS B 208 8.99 -21.60 -17.73
C LYS B 208 7.73 -21.05 -17.08
N ARG B 209 7.91 -20.34 -15.97
CA ARG B 209 6.80 -19.66 -15.32
C ARG B 209 7.21 -18.22 -15.05
N ALA B 210 6.24 -17.31 -15.14
CA ALA B 210 6.48 -15.95 -14.69
C ALA B 210 5.22 -15.36 -14.12
N GLU B 211 5.41 -14.37 -13.26
CA GLU B 211 4.32 -13.61 -12.72
C GLU B 211 4.51 -12.18 -13.15
N LEU B 212 3.44 -11.56 -13.64
CA LEU B 212 3.39 -10.13 -13.93
C LEU B 212 2.34 -9.42 -13.06
N LEU B 213 2.83 -8.40 -12.33
CA LEU B 213 1.98 -7.48 -11.60
C LEU B 213 1.96 -6.15 -12.33
N LEU B 214 0.74 -5.62 -12.47
CA LEU B 214 0.51 -4.33 -13.15
C LEU B 214 -0.30 -3.42 -12.26
N TRP B 215 0.01 -2.12 -12.34
CA TRP B 215 -0.76 -1.12 -11.57
C TRP B 215 -1.03 0.08 -12.48
N ARG B 216 -2.13 0.75 -12.24
CA ARG B 216 -2.44 2.04 -12.84
C ARG B 216 -3.33 2.81 -11.87
N GLY B 217 -3.13 4.12 -11.75
CA GLY B 217 -3.98 4.95 -10.92
C GLY B 217 -5.22 5.42 -11.64
N SER B 218 -6.32 5.52 -10.89
CA SER B 218 -7.63 5.93 -11.44
C SER B 218 -7.66 7.37 -11.90
N ALA B 219 -6.79 8.22 -11.35
CA ALA B 219 -6.73 9.61 -11.77
C ALA B 219 -5.75 9.82 -12.91
N GLU B 220 -5.13 8.77 -13.43
CA GLU B 220 -4.13 8.97 -14.48
C GLU B 220 -4.78 9.24 -15.85
N PRO B 221 -4.22 10.20 -16.62
CA PRO B 221 -4.67 10.42 -18.00
C PRO B 221 -3.97 9.51 -19.04
N ALA B 222 -4.49 9.49 -20.27
CA ALA B 222 -3.86 8.79 -21.39
C ALA B 222 -2.81 9.68 -22.08
N PRO B 232 -8.22 6.82 -21.40
CA PRO B 232 -7.46 6.43 -20.23
C PRO B 232 -7.90 5.08 -19.70
N GLY B 233 -6.95 4.14 -19.59
CA GLY B 233 -7.25 2.80 -19.12
C GLY B 233 -7.43 1.78 -20.23
N GLN B 234 -7.64 2.23 -21.46
CA GLN B 234 -7.98 1.34 -22.57
C GLN B 234 -6.82 0.46 -22.99
N ALA B 235 -5.68 1.07 -23.28
CA ALA B 235 -4.44 0.33 -23.52
C ALA B 235 -4.18 -0.68 -22.40
N MET B 236 -4.24 -0.25 -21.14
CA MET B 236 -4.05 -1.17 -20.04
C MET B 236 -5.06 -2.32 -20.06
N ALA B 237 -6.32 -2.02 -20.26
CA ALA B 237 -7.34 -3.07 -20.19
C ALA B 237 -7.11 -4.08 -21.33
N ARG B 238 -6.71 -3.58 -22.50
CA ARG B 238 -6.46 -4.44 -23.65
C ARG B 238 -5.24 -5.32 -23.38
N LEU B 239 -4.20 -4.71 -22.84
CA LEU B 239 -2.99 -5.47 -22.48
C LEU B 239 -3.31 -6.56 -21.47
N VAL B 240 -4.09 -6.23 -20.44
CA VAL B 240 -4.46 -7.20 -19.41
C VAL B 240 -5.29 -8.34 -19.99
N ASP B 241 -6.27 -8.01 -20.83
CA ASP B 241 -7.11 -9.06 -21.42
C ASP B 241 -6.30 -10.00 -22.29
N ASP B 242 -5.37 -9.41 -23.02
CA ASP B 242 -4.48 -10.11 -23.91
C ASP B 242 -3.53 -11.03 -23.12
N LEU B 243 -2.92 -10.53 -22.03
CA LEU B 243 -1.98 -11.33 -21.26
C LEU B 243 -2.68 -12.34 -20.36
N ARG B 244 -3.96 -12.13 -20.05
CA ARG B 244 -4.72 -13.15 -19.32
C ARG B 244 -4.69 -14.54 -19.99
N ARG B 245 -4.52 -14.59 -21.31
CA ARG B 245 -4.61 -15.88 -22.01
C ARG B 245 -3.25 -16.49 -22.33
N VAL B 246 -2.21 -16.09 -21.61
CA VAL B 246 -0.87 -16.62 -21.85
C VAL B 246 -0.55 -17.72 -20.85
N ALA B 247 -0.34 -18.92 -21.35
CA ALA B 247 -0.10 -20.07 -20.49
C ALA B 247 1.28 -19.92 -19.84
N GLY B 248 1.35 -20.19 -18.54
CA GLY B 248 2.61 -20.11 -17.79
C GLY B 248 2.87 -18.71 -17.25
N LEU B 249 2.05 -17.74 -17.63
CA LEU B 249 2.10 -16.41 -17.03
C LEU B 249 0.97 -16.24 -16.03
N THR B 250 1.31 -15.84 -14.81
CA THR B 250 0.31 -15.46 -13.81
C THR B 250 0.24 -13.94 -13.75
N LEU B 251 -0.96 -13.39 -13.92
CA LEU B 251 -1.18 -12.00 -14.14
C LEU B 251 -2.02 -11.43 -13.01
N ASP B 252 -1.60 -10.30 -12.46
CA ASP B 252 -2.41 -9.63 -11.43
C ASP B 252 -2.44 -8.13 -11.74
N PHE B 253 -3.63 -7.63 -12.08
CA PHE B 253 -3.79 -6.21 -12.30
C PHE B 253 -4.47 -5.58 -11.09
N GLN B 254 -3.91 -4.48 -10.62
CA GLN B 254 -4.46 -3.78 -9.47
C GLN B 254 -4.63 -2.30 -9.77
N PRO B 255 -5.86 -1.85 -9.97
CA PRO B 255 -6.12 -0.43 -10.10
C PRO B 255 -5.93 0.26 -8.74
N LEU B 256 -5.40 1.47 -8.75
CA LEU B 256 -5.20 2.20 -7.51
C LEU B 256 -6.11 3.43 -7.44
N ASP B 257 -7.25 3.22 -6.80
CA ASP B 257 -8.26 4.24 -6.57
C ASP B 257 -7.65 5.36 -5.74
N GLY B 258 -7.83 6.59 -6.20
CA GLY B 258 -7.37 7.77 -5.46
C GLY B 258 -6.00 8.32 -5.92
N LEU B 259 -5.34 7.67 -6.85
CA LEU B 259 -3.92 7.98 -7.13
C LEU B 259 -3.70 8.44 -8.57
N GLY B 260 -2.82 9.43 -8.69
CA GLY B 260 -2.33 9.88 -9.99
C GLY B 260 -0.97 9.26 -10.30
N HIS B 261 -0.32 9.75 -11.33
CA HIS B 261 0.80 9.04 -11.96
C HIS B 261 2.02 8.93 -11.05
N GLY B 262 2.40 10.05 -10.46
CA GLY B 262 3.53 10.13 -9.53
C GLY B 262 3.34 9.18 -8.35
N GLU B 263 2.12 9.19 -7.84
CA GLU B 263 1.82 8.49 -6.63
C GLU B 263 1.78 6.96 -6.77
N THR B 264 1.65 6.44 -8.00
CA THR B 264 1.64 4.98 -8.11
C THR B 264 3.03 4.36 -7.89
N LEU B 265 4.07 5.17 -7.92
CA LEU B 265 5.42 4.70 -7.69
C LEU B 265 5.51 4.10 -6.28
N GLY B 266 5.24 4.90 -5.25
CA GLY B 266 5.32 4.42 -3.85
C GLY B 266 4.25 3.39 -3.53
N ALA B 267 3.06 3.62 -4.04
CA ALA B 267 1.98 2.68 -3.83
C ALA B 267 2.35 1.30 -4.37
N SER B 268 2.77 1.21 -5.64
CA SER B 268 3.05 -0.09 -6.23
C SER B 268 4.15 -0.80 -5.44
N LEU B 269 5.15 -0.03 -4.97
CA LEU B 269 6.29 -0.63 -4.29
C LEU B 269 5.91 -1.20 -2.93
N ARG B 270 5.20 -0.41 -2.12
CA ARG B 270 4.62 -0.91 -0.86
C ARG B 270 3.80 -2.20 -1.07
N LEU B 271 2.95 -2.20 -2.07
CA LEU B 271 2.07 -3.35 -2.30
C LEU B 271 2.84 -4.56 -2.83
N LEU B 272 3.83 -4.33 -3.70
CA LEU B 272 4.71 -5.42 -4.13
C LEU B 272 5.38 -6.07 -2.92
N LEU B 273 5.92 -5.24 -2.05
CA LEU B 273 6.72 -5.70 -0.93
C LEU B 273 5.84 -6.36 0.15
N ALA B 274 4.55 -6.09 0.12
CA ALA B 274 3.58 -6.76 0.98
C ALA B 274 3.08 -8.09 0.44
N ARG B 275 3.32 -8.40 -0.84
CA ARG B 275 2.90 -9.69 -1.41
C ARG B 275 3.70 -10.81 -0.73
N PRO B 276 3.13 -12.03 -0.70
CA PRO B 276 3.90 -13.23 -0.39
C PRO B 276 5.13 -13.39 -1.26
N ALA B 277 6.17 -13.95 -0.68
CA ALA B 277 7.47 -14.00 -1.31
C ALA B 277 7.38 -14.79 -2.64
N VAL B 278 8.30 -14.49 -3.55
CA VAL B 278 8.43 -15.25 -4.81
C VAL B 278 8.68 -16.73 -4.58
#